data_2W1I
#
_entry.id   2W1I
#
_cell.length_a   102.757
_cell.length_b   93.129
_cell.length_c   123.269
_cell.angle_alpha   90.00
_cell.angle_beta   146.58
_cell.angle_gamma   90.00
#
_symmetry.space_group_name_H-M   'C 1 2 1'
#
loop_
_entity.id
_entity.type
_entity.pdbx_description
1 polymer JAK2
2 non-polymer 4-[(2-{4-[(CYCLOPROPYLCARBAMOYL)AMINO]-1H-PYRAZOL-3-YL}-1H-BENZIMIDAZOL-6-YL)METHYL]MORPHOLIN-4-IUM
3 water water
#
_entity_poly.entity_id   1
_entity_poly.type   'polypeptide(L)'
_entity_poly.pdbx_seq_one_letter_code
;MSYYHHHHHHDYDIPTTENLYFQGAMGSAFEDRDPTQFEERHLKFLQQLGKGNFGSVEMCRYDPLQDNTGEVVAVKKLQH
STEEHLRDFEREIEILKSLQHDNIVKYKGVCYSAGRRNLKLIMEYLPYGSLRDYLQKHKERIDHIKLLQYTSQICKGMEY
LGTKRYIHRDLATRNILVENENRVKIGDFGLTKVLPQDKE(PTR)(PTR)KVKEPGESPIFWYAPESLTESKFSVASDVW
SFGVVLYELFTYIEKSKSPPAEFMRMIGNDKQGQMIVFHLIELLKNNGRLPRPDGCPDEIYMIMTECWNNNVNQRPSFRD
LALRVDQIRDQMAG
;
_entity_poly.pdbx_strand_id   A,B
#
loop_
_chem_comp.id
_chem_comp.type
_chem_comp.name
_chem_comp.formula
L0I non-polymer 4-[(2-{4-[(CYCLOPROPYLCARBAMOYL)AMINO]-1H-PYRAZOL-3-YL}-1H-BENZIMIDAZOL-6-YL)METHYL]MORPHOLIN-4-IUM 'C19 H24 N7 O2 1'
#
# COMPACT_ATOMS: atom_id res chain seq x y z
N GLN A 37 -35.13 11.61 -3.63
CA GLN A 37 -34.34 10.35 -3.64
C GLN A 37 -33.80 10.06 -5.06
N PHE A 38 -32.69 9.34 -5.14
CA PHE A 38 -32.06 8.94 -6.40
C PHE A 38 -32.30 7.44 -6.62
N GLU A 39 -32.71 7.06 -7.83
CA GLU A 39 -32.95 5.65 -8.17
C GLU A 39 -31.75 5.00 -8.87
N GLU A 40 -31.17 4.00 -8.21
CA GLU A 40 -30.05 3.19 -8.72
C GLU A 40 -29.95 3.04 -10.25
N ARG A 41 -31.06 2.69 -10.88
CA ARG A 41 -31.02 2.28 -12.29
C ARG A 41 -30.78 3.46 -13.25
N HIS A 42 -31.07 4.67 -12.78
CA HIS A 42 -30.85 5.90 -13.56
C HIS A 42 -29.42 6.45 -13.45
N LEU A 43 -28.62 5.88 -12.56
CA LEU A 43 -27.22 6.21 -12.47
C LEU A 43 -26.51 5.57 -13.63
N LYS A 44 -25.97 6.38 -14.55
CA LYS A 44 -25.15 5.88 -15.64
C LYS A 44 -23.67 6.22 -15.37
N PHE A 45 -22.83 5.19 -15.31
CA PHE A 45 -21.39 5.36 -15.15
C PHE A 45 -20.79 6.12 -16.30
N LEU A 46 -19.85 7.01 -15.99
CA LEU A 46 -19.09 7.73 -16.98
C LEU A 46 -17.62 7.36 -16.79
N GLN A 47 -17.05 7.67 -15.64
CA GLN A 47 -15.68 7.28 -15.33
C GLN A 47 -15.48 7.15 -13.84
N GLN A 48 -14.40 6.46 -13.48
CA GLN A 48 -13.94 6.41 -12.11
C GLN A 48 -13.48 7.82 -11.78
N LEU A 49 -13.53 8.17 -10.50
CA LEU A 49 -12.89 9.38 -10.02
C LEU A 49 -11.74 9.02 -9.07
N GLY A 50 -11.99 8.10 -8.13
CA GLY A 50 -10.93 7.65 -7.23
C GLY A 50 -11.37 6.72 -6.13
N LYS A 51 -10.38 6.17 -5.42
CA LYS A 51 -10.60 5.40 -4.18
C LYS A 51 -10.19 6.25 -2.98
N GLY A 52 -10.95 6.13 -1.89
CA GLY A 52 -10.61 6.76 -0.61
C GLY A 52 -10.37 5.72 0.46
N ASN A 53 -10.43 6.13 1.73
CA ASN A 53 -10.20 5.19 2.84
C ASN A 53 -11.44 4.28 3.04
N PHE A 54 -11.58 3.30 2.14
CA PHE A 54 -12.51 2.10 2.22
C PHE A 54 -13.52 1.89 1.05
N GLY A 55 -13.75 2.92 0.23
CA GLY A 55 -14.76 2.84 -0.81
C GLY A 55 -14.25 3.06 -2.21
N SER A 56 -15.12 3.57 -3.07
CA SER A 56 -14.74 4.03 -4.40
C SER A 56 -15.70 5.16 -4.80
N VAL A 57 -15.21 6.08 -5.63
CA VAL A 57 -16.02 7.21 -6.07
C VAL A 57 -16.06 7.30 -7.59
N GLU A 58 -17.26 7.29 -8.17
CA GLU A 58 -17.42 7.37 -9.64
C GLU A 58 -18.14 8.64 -10.07
N MET A 59 -17.84 9.06 -11.29
CA MET A 59 -18.57 10.11 -11.97
C MET A 59 -19.72 9.44 -12.68
N CYS A 60 -20.94 9.88 -12.36
CA CYS A 60 -22.14 9.33 -12.97
C CYS A 60 -23.10 10.38 -13.45
N ARG A 61 -23.94 9.99 -14.40
CA ARG A 61 -25.02 10.83 -14.85
C ARG A 61 -26.35 10.25 -14.37
N TYR A 62 -27.03 10.99 -13.51
CA TYR A 62 -28.40 10.65 -13.13
C TYR A 62 -29.31 11.12 -14.25
N ASP A 63 -29.73 10.16 -15.08
CA ASP A 63 -30.39 10.45 -16.33
C ASP A 63 -31.67 9.63 -16.46
N PRO A 64 -32.72 10.05 -15.74
CA PRO A 64 -33.92 9.26 -15.68
C PRO A 64 -34.76 9.37 -16.95
N LEU A 65 -34.46 10.35 -17.81
CA LEU A 65 -35.12 10.53 -19.09
C LEU A 65 -34.33 9.86 -20.24
N GLN A 66 -33.18 9.26 -19.92
CA GLN A 66 -32.35 8.50 -20.90
C GLN A 66 -31.91 9.28 -22.15
N ASP A 67 -32.39 10.51 -22.29
CA ASP A 67 -31.99 11.37 -23.41
C ASP A 67 -30.66 12.04 -23.17
N ASN A 68 -30.01 11.71 -22.04
CA ASN A 68 -28.61 12.08 -21.82
C ASN A 68 -28.39 13.53 -21.36
N THR A 69 -29.44 14.15 -20.85
CA THR A 69 -29.36 15.53 -20.40
C THR A 69 -29.19 15.68 -18.87
N GLY A 70 -29.23 14.55 -18.16
CA GLY A 70 -29.29 14.56 -16.70
C GLY A 70 -28.08 15.15 -16.00
N GLU A 71 -28.28 15.42 -14.69
CA GLU A 71 -27.24 15.90 -13.79
C GLU A 71 -26.04 14.94 -13.57
N VAL A 72 -24.83 15.44 -13.85
CA VAL A 72 -23.62 14.72 -13.49
C VAL A 72 -23.31 14.91 -11.99
N VAL A 73 -23.11 13.79 -11.30
CA VAL A 73 -22.90 13.77 -9.86
C VAL A 73 -21.70 12.87 -9.53
N ALA A 74 -21.24 12.96 -8.29
CA ALA A 74 -20.18 12.10 -7.82
C ALA A 74 -20.87 11.00 -7.02
N VAL A 75 -20.37 9.76 -7.11
CA VAL A 75 -21.03 8.64 -6.43
C VAL A 75 -20.05 7.77 -5.70
N LYS A 76 -20.30 7.55 -4.41
CA LYS A 76 -19.47 6.68 -3.58
C LYS A 76 -20.16 5.33 -3.29
N LYS A 77 -19.39 4.26 -3.35
CA LYS A 77 -19.91 2.93 -3.11
C LYS A 77 -18.87 2.07 -2.44
N LEU A 78 -19.32 1.16 -1.59
CA LEU A 78 -18.42 0.30 -0.87
C LEU A 78 -17.91 -0.83 -1.77
N GLN A 79 -16.60 -0.91 -1.89
CA GLN A 79 -15.93 -2.03 -2.54
C GLN A 79 -16.22 -3.35 -1.79
N HIS A 80 -15.97 -3.35 -0.49
CA HIS A 80 -16.16 -4.53 0.35
C HIS A 80 -17.22 -4.27 1.39
N SER A 81 -18.47 -4.43 0.95
CA SER A 81 -19.65 -3.95 1.66
C SER A 81 -20.01 -4.81 2.90
N THR A 82 -19.05 -4.96 3.81
CA THR A 82 -19.23 -5.79 5.02
C THR A 82 -20.47 -5.33 5.78
N GLU A 83 -20.74 -5.95 6.92
CA GLU A 83 -21.73 -5.40 7.84
C GLU A 83 -21.07 -4.39 8.79
N GLU A 84 -19.75 -4.50 8.98
CA GLU A 84 -19.00 -3.55 9.81
C GLU A 84 -18.81 -2.25 9.04
N HIS A 85 -18.25 -2.36 7.84
CA HIS A 85 -18.04 -1.20 6.95
C HIS A 85 -19.33 -0.51 6.53
N LEU A 86 -20.41 -1.26 6.46
CA LEU A 86 -21.72 -0.73 6.08
C LEU A 86 -22.24 0.22 7.16
N ARG A 87 -21.90 -0.06 8.42
CA ARG A 87 -22.28 0.81 9.52
C ARG A 87 -21.46 2.10 9.46
N ASP A 88 -20.16 1.96 9.28
CA ASP A 88 -19.31 3.13 9.24
C ASP A 88 -19.68 4.03 8.05
N PHE A 89 -20.10 3.42 6.94
CA PHE A 89 -20.42 4.17 5.72
C PHE A 89 -21.72 4.94 5.86
N GLU A 90 -22.67 4.38 6.58
CA GLU A 90 -23.92 5.06 6.83
C GLU A 90 -23.71 6.12 7.89
N ARG A 91 -22.75 5.87 8.79
CA ARG A 91 -22.32 6.86 9.74
C ARG A 91 -21.66 8.01 9.01
N GLU A 92 -20.85 7.68 8.01
CA GLU A 92 -20.20 8.67 7.15
C GLU A 92 -21.24 9.55 6.46
N ILE A 93 -22.22 8.89 5.82
CA ILE A 93 -23.34 9.55 5.13
C ILE A 93 -24.07 10.52 6.08
N GLU A 94 -24.39 10.05 7.29
CA GLU A 94 -25.13 10.89 8.25
C GLU A 94 -24.33 12.09 8.76
N ILE A 95 -23.01 11.95 8.83
CA ILE A 95 -22.13 13.08 9.12
C ILE A 95 -22.19 14.12 7.99
N LEU A 96 -21.91 13.66 6.77
CA LEU A 96 -21.85 14.56 5.61
C LEU A 96 -23.18 15.30 5.45
N LYS A 97 -24.25 14.54 5.41
CA LYS A 97 -25.63 15.02 5.39
C LYS A 97 -25.85 16.17 6.37
N SER A 98 -25.33 16.05 7.57
CA SER A 98 -25.56 17.04 8.62
C SER A 98 -24.58 18.22 8.56
N LEU A 99 -23.77 18.30 7.53
CA LEU A 99 -22.75 19.34 7.40
C LEU A 99 -23.03 20.23 6.21
N GLN A 100 -23.38 21.48 6.45
CA GLN A 100 -23.66 22.45 5.38
C GLN A 100 -22.78 23.67 5.53
N HIS A 101 -21.78 23.73 4.67
CA HIS A 101 -20.77 24.76 4.71
C HIS A 101 -20.13 24.86 3.33
N ASP A 102 -19.87 26.10 2.91
CA ASP A 102 -19.25 26.41 1.63
C ASP A 102 -18.00 25.59 1.34
N ASN A 103 -17.32 25.15 2.40
CA ASN A 103 -16.03 24.49 2.26
C ASN A 103 -16.08 23.02 2.64
N ILE A 104 -17.26 22.43 2.48
CA ILE A 104 -17.47 21.00 2.74
C ILE A 104 -18.34 20.49 1.61
N VAL A 105 -17.79 19.57 0.83
CA VAL A 105 -18.47 18.97 -0.31
C VAL A 105 -19.94 18.71 0.07
N LYS A 106 -20.88 19.03 -0.85
CA LYS A 106 -22.33 18.89 -0.58
C LYS A 106 -22.81 17.47 -0.70
N TYR A 107 -23.63 17.09 0.26
CA TYR A 107 -24.41 15.87 0.19
C TYR A 107 -25.65 16.07 -0.69
N LYS A 108 -25.95 15.11 -1.56
CA LYS A 108 -27.19 15.17 -2.38
C LYS A 108 -28.24 14.11 -2.06
N GLY A 109 -27.82 12.91 -1.68
CA GLY A 109 -28.79 11.83 -1.44
C GLY A 109 -28.16 10.45 -1.27
N VAL A 110 -29.01 9.43 -1.20
CA VAL A 110 -28.53 8.06 -1.11
C VAL A 110 -29.24 7.17 -2.10
N CYS A 111 -28.65 6.00 -2.36
CA CYS A 111 -29.32 4.95 -3.13
C CYS A 111 -29.33 3.68 -2.31
N TYR A 112 -30.49 3.05 -2.24
CA TYR A 112 -30.62 1.75 -1.59
C TYR A 112 -30.75 0.60 -2.61
N SER A 113 -30.44 -0.62 -2.16
CA SER A 113 -30.41 -1.81 -3.05
C SER A 113 -31.78 -2.50 -3.12
N ASN A 118 -27.52 -2.45 0.55
CA ASN A 118 -26.30 -1.71 0.24
C ASN A 118 -26.58 -0.23 -0.14
N LEU A 119 -25.66 0.64 0.31
CA LEU A 119 -25.82 2.08 0.23
C LEU A 119 -24.85 2.67 -0.78
N LYS A 120 -25.30 3.74 -1.44
CA LYS A 120 -24.42 4.58 -2.25
C LYS A 120 -24.60 6.05 -1.88
N LEU A 121 -23.49 6.76 -1.75
CA LEU A 121 -23.49 8.19 -1.38
C LEU A 121 -23.45 9.03 -2.65
N ILE A 122 -24.44 9.91 -2.82
CA ILE A 122 -24.47 10.80 -3.97
C ILE A 122 -24.00 12.15 -3.51
N MET A 123 -23.10 12.74 -4.27
CA MET A 123 -22.50 14.03 -3.91
C MET A 123 -22.36 14.94 -5.12
N GLU A 124 -22.26 16.24 -4.86
CA GLU A 124 -21.92 17.16 -5.92
C GLU A 124 -20.61 16.72 -6.56
N TYR A 125 -20.53 16.85 -7.87
CA TYR A 125 -19.30 16.59 -8.61
C TYR A 125 -18.54 17.89 -8.69
N LEU A 126 -17.27 17.86 -8.29
CA LEU A 126 -16.36 19.00 -8.34
C LEU A 126 -15.30 18.71 -9.41
N PRO A 127 -15.37 19.43 -10.54
CA PRO A 127 -14.61 19.04 -11.73
C PRO A 127 -13.09 19.11 -11.67
N TYR A 128 -12.50 19.79 -10.70
CA TYR A 128 -11.06 20.05 -10.69
C TYR A 128 -10.24 19.03 -9.89
N GLY A 129 -10.91 18.04 -9.32
CA GLY A 129 -10.21 16.96 -8.62
C GLY A 129 -9.70 17.32 -7.25
N SER A 130 -8.80 16.49 -6.74
CA SER A 130 -8.22 16.71 -5.42
C SER A 130 -7.24 17.86 -5.48
N LEU A 131 -7.11 18.54 -4.36
CA LEU A 131 -6.19 19.64 -4.24
C LEU A 131 -4.77 19.11 -4.45
N ARG A 132 -4.46 17.94 -3.90
CA ARG A 132 -3.12 17.35 -4.07
C ARG A 132 -2.71 17.27 -5.53
N ASP A 133 -3.62 16.80 -6.38
CA ASP A 133 -3.34 16.63 -7.81
C ASP A 133 -3.34 17.94 -8.58
N TYR A 134 -4.26 18.83 -8.22
CA TYR A 134 -4.42 20.13 -8.90
C TYR A 134 -3.20 21.04 -8.67
N LEU A 135 -2.72 21.07 -7.44
CA LEU A 135 -1.54 21.84 -7.07
C LEU A 135 -0.25 21.20 -7.66
N GLN A 136 -0.23 19.86 -7.68
CA GLN A 136 0.88 19.11 -8.26
C GLN A 136 1.02 19.40 -9.74
N LYS A 137 -0.10 19.40 -10.47
CA LYS A 137 -0.08 19.64 -11.91
C LYS A 137 0.27 21.07 -12.21
N HIS A 138 -0.48 21.99 -11.61
CA HIS A 138 -0.34 23.43 -11.84
C HIS A 138 0.72 24.15 -10.99
N LYS A 139 1.61 23.37 -10.35
CA LYS A 139 2.75 23.86 -9.55
C LYS A 139 3.09 25.34 -9.68
N GLU A 140 3.22 26.03 -8.53
CA GLU A 140 3.91 27.32 -8.47
C GLU A 140 3.27 28.44 -9.32
N ARG A 141 2.59 28.09 -10.39
CA ARG A 141 1.67 29.01 -11.07
C ARG A 141 0.47 29.27 -10.20
N ILE A 142 0.34 28.51 -9.12
CA ILE A 142 -0.52 28.87 -7.99
C ILE A 142 0.36 29.63 -7.00
N ASP A 143 0.18 30.95 -6.95
CA ASP A 143 0.98 31.80 -6.10
C ASP A 143 0.55 31.65 -4.64
N HIS A 144 1.27 32.32 -3.75
CA HIS A 144 0.99 32.26 -2.31
C HIS A 144 -0.36 32.87 -1.93
N ILE A 145 -0.79 33.92 -2.62
CA ILE A 145 -2.14 34.48 -2.40
C ILE A 145 -3.17 33.34 -2.55
N LYS A 146 -2.96 32.45 -3.52
CA LYS A 146 -3.88 31.29 -3.70
C LYS A 146 -3.77 30.23 -2.61
N LEU A 147 -2.56 29.81 -2.28
CA LEU A 147 -2.39 28.79 -1.27
C LEU A 147 -3.06 29.24 0.03
N LEU A 148 -2.92 30.51 0.36
CA LEU A 148 -3.47 31.05 1.60
C LEU A 148 -4.99 31.22 1.54
N GLN A 149 -5.52 31.40 0.34
CA GLN A 149 -6.95 31.41 0.13
C GLN A 149 -7.49 29.99 0.41
N TYR A 150 -6.82 28.97 -0.12
CA TYR A 150 -7.24 27.59 0.16
C TYR A 150 -7.07 27.26 1.64
N THR A 151 -5.93 27.63 2.19
CA THR A 151 -5.64 27.44 3.60
C THR A 151 -6.75 28.03 4.44
N SER A 152 -7.05 29.30 4.20
CA SER A 152 -8.12 29.96 4.92
C SER A 152 -9.38 29.14 4.86
N GLN A 153 -9.71 28.73 3.63
CA GLN A 153 -10.92 27.99 3.33
C GLN A 153 -10.97 26.65 4.04
N ILE A 154 -9.84 25.96 4.06
CA ILE A 154 -9.69 24.72 4.84
C ILE A 154 -9.98 24.95 6.33
N CYS A 155 -9.30 25.93 6.91
CA CYS A 155 -9.58 26.35 8.30
C CYS A 155 -11.05 26.54 8.63
N LYS A 156 -11.76 27.27 7.78
CA LYS A 156 -13.17 27.56 8.04
C LYS A 156 -14.04 26.29 7.98
N GLY A 157 -13.73 25.42 7.03
CA GLY A 157 -14.39 24.12 6.93
C GLY A 157 -14.22 23.27 8.18
N MET A 158 -13.02 23.33 8.76
CA MET A 158 -12.73 22.60 10.01
C MET A 158 -13.34 23.27 11.25
N GLU A 159 -13.42 24.60 11.25
CA GLU A 159 -13.92 25.29 12.44
C GLU A 159 -15.35 24.87 12.64
N TYR A 160 -16.07 24.74 11.54
CA TYR A 160 -17.47 24.38 11.53
C TYR A 160 -17.64 22.89 11.84
N LEU A 161 -16.79 22.05 11.26
CA LEU A 161 -16.70 20.65 11.65
C LEU A 161 -16.65 20.49 13.18
N GLY A 162 -15.72 21.21 13.81
CA GLY A 162 -15.52 21.14 15.25
C GLY A 162 -16.67 21.69 16.05
N THR A 163 -17.37 22.67 15.49
CA THR A 163 -18.57 23.21 16.11
C THR A 163 -19.65 22.14 16.25
N LYS A 164 -19.55 21.07 15.46
CA LYS A 164 -20.48 19.95 15.56
C LYS A 164 -19.82 18.73 16.20
N ARG A 165 -18.75 18.94 16.96
CA ARG A 165 -18.10 17.87 17.74
C ARG A 165 -17.66 16.65 16.90
N TYR A 166 -17.19 16.95 15.69
CA TYR A 166 -16.72 15.93 14.77
C TYR A 166 -15.21 16.06 14.68
N ILE A 167 -14.52 14.94 14.47
CA ILE A 167 -13.07 14.91 14.27
C ILE A 167 -12.82 14.13 12.99
N HIS A 168 -12.26 14.83 11.99
CA HIS A 168 -12.01 14.29 10.65
C HIS A 168 -11.03 13.12 10.63
N ARG A 169 -9.91 13.25 11.34
CA ARG A 169 -8.90 12.18 11.44
C ARG A 169 -8.19 11.86 10.12
N ASP A 170 -8.38 12.68 9.10
CA ASP A 170 -7.71 12.46 7.79
C ASP A 170 -7.67 13.71 6.88
N LEU A 171 -7.36 14.85 7.48
CA LEU A 171 -7.18 16.09 6.80
C LEU A 171 -5.85 16.00 6.05
N ALA A 172 -5.92 16.14 4.73
CA ALA A 172 -4.80 15.87 3.81
C ALA A 172 -5.18 16.45 2.47
N THR A 173 -4.23 17.01 1.74
CA THR A 173 -4.55 17.60 0.44
C THR A 173 -5.33 16.64 -0.49
N ARG A 174 -4.97 15.35 -0.49
CA ARG A 174 -5.72 14.35 -1.30
C ARG A 174 -7.17 14.16 -0.91
N ASN A 175 -7.54 14.55 0.31
CA ASN A 175 -8.95 14.52 0.77
C ASN A 175 -9.63 15.87 0.72
N ILE A 176 -9.06 16.80 -0.03
CA ILE A 176 -9.63 18.14 -0.19
C ILE A 176 -9.91 18.35 -1.68
N LEU A 177 -11.13 18.72 -2.01
CA LEU A 177 -11.55 18.83 -3.42
C LEU A 177 -11.52 20.29 -3.88
N VAL A 178 -11.24 20.52 -5.16
CA VAL A 178 -11.23 21.86 -5.75
C VAL A 178 -12.44 22.10 -6.66
N GLU A 179 -13.30 23.03 -6.28
CA GLU A 179 -14.47 23.36 -7.09
C GLU A 179 -14.03 24.15 -8.31
N ASN A 180 -13.25 25.19 -8.07
CA ASN A 180 -12.75 26.07 -9.12
C ASN A 180 -11.56 26.83 -8.56
N GLU A 181 -10.65 27.30 -9.42
CA GLU A 181 -9.57 28.25 -9.05
C GLU A 181 -9.71 28.88 -7.65
N ASN A 182 -10.91 29.39 -7.35
CA ASN A 182 -11.18 30.16 -6.13
C ASN A 182 -11.96 29.47 -5.01
N ARG A 183 -12.09 28.14 -5.07
CA ARG A 183 -12.78 27.39 -4.01
C ARG A 183 -12.32 25.93 -3.86
N VAL A 184 -11.95 25.57 -2.64
CA VAL A 184 -11.78 24.17 -2.28
C VAL A 184 -12.77 23.78 -1.17
N LYS A 185 -13.12 22.51 -1.15
CA LYS A 185 -13.96 21.99 -0.09
C LYS A 185 -13.28 20.78 0.51
N ILE A 186 -13.52 20.56 1.80
CA ILE A 186 -13.02 19.39 2.52
C ILE A 186 -13.92 18.17 2.26
N GLY A 187 -13.32 17.00 2.05
CA GLY A 187 -14.13 15.79 1.80
C GLY A 187 -13.58 14.54 2.43
N ASP A 188 -14.17 13.41 2.04
CA ASP A 188 -13.85 12.09 2.58
C ASP A 188 -13.90 12.02 4.12
N PHE A 189 -15.13 11.88 4.62
CA PHE A 189 -15.39 11.75 6.07
C PHE A 189 -15.47 10.27 6.54
N GLY A 190 -14.74 9.37 5.87
CA GLY A 190 -14.80 7.95 6.16
C GLY A 190 -14.24 7.57 7.51
N LEU A 191 -13.24 8.32 7.98
CA LEU A 191 -12.60 8.09 9.29
C LEU A 191 -13.02 9.10 10.36
N THR A 192 -14.09 9.84 10.10
CA THR A 192 -14.53 10.87 11.04
C THR A 192 -15.26 10.29 12.24
N LYS A 193 -14.98 10.86 13.42
CA LYS A 193 -15.61 10.44 14.67
C LYS A 193 -16.29 11.63 15.39
N VAL A 194 -17.46 11.36 15.99
CA VAL A 194 -18.12 12.33 16.86
C VAL A 194 -17.46 12.21 18.24
N LEU A 195 -17.26 13.32 18.93
CA LEU A 195 -16.79 13.26 20.30
C LEU A 195 -17.96 12.81 21.15
N PRO A 196 -17.69 12.03 22.23
CA PRO A 196 -18.67 11.87 23.31
C PRO A 196 -18.98 13.19 24.04
N GLN A 197 -20.14 13.26 24.69
CA GLN A 197 -20.60 14.48 25.38
C GLN A 197 -19.55 15.06 26.31
N ASP A 198 -19.09 14.21 27.22
CA ASP A 198 -18.27 14.64 28.34
C ASP A 198 -16.75 14.39 28.13
N LYS A 199 -16.36 13.82 26.99
CA LYS A 199 -14.95 13.72 26.62
C LYS A 199 -14.63 14.77 25.54
N GLU A 200 -13.37 15.17 25.46
CA GLU A 200 -12.89 16.10 24.42
C GLU A 200 -11.94 15.42 23.41
N PTR A 201 -11.75 14.11 23.54
CA PTR A 201 -10.98 13.31 22.55
C PTR A 201 -11.86 12.11 22.24
O PTR A 201 -12.85 11.87 22.90
CB PTR A 201 -9.62 12.77 23.04
CG PTR A 201 -9.75 12.01 24.34
CD1 PTR A 201 -9.98 10.63 24.34
CD2 PTR A 201 -9.74 12.67 25.56
CE1 PTR A 201 -10.15 9.95 25.52
CE2 PTR A 201 -9.92 11.99 26.75
CZ PTR A 201 -10.11 10.63 26.72
OH PTR A 201 -10.30 9.99 27.78
P PTR A 201 -9.24 9.72 28.96
O1P PTR A 201 -9.18 10.95 29.91
O2P PTR A 201 -9.85 8.56 29.67
O3P PTR A 201 -7.87 9.33 28.35
N PTR A 202 -11.46 11.34 21.24
CA PTR A 202 -12.06 10.07 20.98
C PTR A 202 -10.92 9.05 20.83
O PTR A 202 -10.05 9.23 20.00
CB PTR A 202 -12.96 10.21 19.76
CG PTR A 202 -13.64 8.93 19.35
CD1 PTR A 202 -15.01 8.73 19.56
CD2 PTR A 202 -12.90 7.92 18.78
CE1 PTR A 202 -15.62 7.54 19.19
CE2 PTR A 202 -13.49 6.74 18.39
CZ PTR A 202 -14.84 6.54 18.59
OH PTR A 202 -15.22 5.44 18.21
P PTR A 202 -16.70 4.89 17.95
O1P PTR A 202 -17.08 4.01 19.16
O2P PTR A 202 -17.68 5.99 17.78
O3P PTR A 202 -16.59 4.01 16.69
N LYS A 203 -10.93 8.03 21.69
CA LYS A 203 -9.92 6.97 21.68
C LYS A 203 -10.40 5.84 20.80
N VAL A 204 -9.60 5.44 19.79
CA VAL A 204 -10.02 4.37 18.87
C VAL A 204 -9.20 3.09 19.06
N LYS A 205 -9.88 1.99 19.32
CA LYS A 205 -9.40 0.64 18.94
C LYS A 205 -10.58 -0.02 18.18
N GLU A 206 -10.31 -0.81 17.15
CA GLU A 206 -8.97 -1.23 16.74
C GLU A 206 -8.64 -0.41 15.50
N PRO A 207 -7.44 0.18 15.43
CA PRO A 207 -7.21 1.00 14.23
C PRO A 207 -7.07 0.21 12.90
N GLY A 208 -7.72 0.73 11.85
CA GLY A 208 -7.51 0.28 10.47
C GLY A 208 -6.26 0.94 9.89
N GLU A 209 -6.14 0.96 8.56
CA GLU A 209 -5.06 1.67 7.90
C GLU A 209 -5.16 3.12 8.34
N SER A 210 -4.01 3.71 8.64
CA SER A 210 -3.97 4.98 9.33
C SER A 210 -2.90 5.90 8.74
N PRO A 211 -3.26 7.15 8.37
CA PRO A 211 -2.31 8.10 7.79
C PRO A 211 -1.28 8.59 8.81
N ILE A 212 -0.40 7.70 9.26
CA ILE A 212 0.43 7.98 10.43
C ILE A 212 1.25 9.25 10.25
N PHE A 213 1.76 9.51 9.06
CA PHE A 213 2.60 10.70 8.85
C PHE A 213 1.84 12.02 8.96
N TRP A 214 0.51 11.94 9.08
CA TRP A 214 -0.33 13.10 9.46
C TRP A 214 -0.76 13.03 10.94
N TYR A 215 -0.49 11.91 11.62
CA TYR A 215 -0.95 11.74 13.01
C TYR A 215 -0.12 12.49 14.06
N ALA A 216 -0.83 13.19 14.96
CA ALA A 216 -0.20 13.87 16.09
C ALA A 216 0.29 12.81 17.08
N PRO A 217 1.29 13.15 17.91
CA PRO A 217 1.97 12.15 18.76
C PRO A 217 1.04 11.27 19.59
N GLU A 218 0.02 11.89 20.18
CA GLU A 218 -0.92 11.21 21.08
C GLU A 218 -1.91 10.31 20.33
N SER A 219 -1.99 10.50 19.03
CA SER A 219 -2.76 9.62 18.20
C SER A 219 -1.94 8.38 17.93
N LEU A 220 -0.63 8.53 17.71
CA LEU A 220 0.28 7.38 17.53
C LEU A 220 0.49 6.58 18.81
N THR A 221 0.73 7.24 19.95
CA THR A 221 1.01 6.54 21.20
C THR A 221 -0.24 5.99 21.86
N GLU A 222 -1.31 6.79 21.89
CA GLU A 222 -2.49 6.47 22.67
C GLU A 222 -3.79 6.30 21.88
N SER A 223 -3.80 6.69 20.61
CA SER A 223 -5.02 6.62 19.78
C SER A 223 -6.06 7.67 20.16
N LYS A 224 -5.66 8.65 20.95
CA LYS A 224 -6.49 9.81 21.25
C LYS A 224 -6.60 10.67 20.00
N PHE A 225 -7.83 10.86 19.52
CA PHE A 225 -8.11 11.81 18.45
C PHE A 225 -8.96 12.96 18.95
N SER A 226 -8.68 14.17 18.46
CA SER A 226 -9.37 15.36 18.94
C SER A 226 -9.30 16.51 17.94
N VAL A 227 -9.96 17.60 18.28
CA VAL A 227 -9.84 18.81 17.44
C VAL A 227 -8.38 19.18 17.36
N ALA A 228 -7.66 18.95 18.45
CA ALA A 228 -6.27 19.31 18.48
C ALA A 228 -5.47 18.45 17.50
N SER A 229 -5.71 17.13 17.45
CA SER A 229 -4.96 16.28 16.47
C SER A 229 -5.30 16.60 15.00
N ASP A 230 -6.49 17.16 14.73
CA ASP A 230 -6.84 17.64 13.39
C ASP A 230 -6.08 18.90 13.06
N VAL A 231 -5.84 19.72 14.08
CA VAL A 231 -5.01 20.91 13.93
C VAL A 231 -3.57 20.53 13.60
N TRP A 232 -3.05 19.47 14.22
CA TRP A 232 -1.71 18.92 13.90
C TRP A 232 -1.68 18.53 12.42
N SER A 233 -2.70 17.78 12.00
CA SER A 233 -2.85 17.36 10.61
C SER A 233 -3.03 18.56 9.67
N PHE A 234 -3.65 19.63 10.16
CA PHE A 234 -3.75 20.84 9.35
C PHE A 234 -2.37 21.45 9.09
N GLY A 235 -1.49 21.42 10.10
CA GLY A 235 -0.13 21.89 9.92
C GLY A 235 0.60 21.14 8.83
N VAL A 236 0.29 19.86 8.66
CA VAL A 236 0.95 19.06 7.63
C VAL A 236 0.33 19.39 6.28
N VAL A 237 -0.98 19.59 6.22
CA VAL A 237 -1.64 20.06 4.99
C VAL A 237 -1.03 21.39 4.48
N LEU A 238 -0.69 22.29 5.40
CA LEU A 238 -0.04 23.57 5.06
C LEU A 238 1.37 23.36 4.54
N TYR A 239 2.10 22.45 5.17
CA TYR A 239 3.39 22.00 4.66
C TYR A 239 3.24 21.44 3.24
N GLU A 240 2.24 20.60 3.04
CA GLU A 240 1.99 20.04 1.72
C GLU A 240 1.84 21.13 0.67
N LEU A 241 0.93 22.07 0.93
CA LEU A 241 0.65 23.15 0.01
C LEU A 241 1.90 23.96 -0.37
N PHE A 242 2.77 24.22 0.59
CA PHE A 242 3.95 25.05 0.31
C PHE A 242 5.15 24.27 -0.27
N THR A 243 5.07 22.94 -0.23
CA THR A 243 5.99 22.10 -1.01
C THR A 243 5.53 21.91 -2.46
N TYR A 244 4.33 22.37 -2.79
CA TYR A 244 3.74 22.17 -4.11
C TYR A 244 3.72 20.68 -4.55
N ILE A 245 3.47 19.80 -3.58
CA ILE A 245 3.47 18.32 -3.74
C ILE A 245 4.64 17.67 -4.53
N GLU A 246 5.81 18.30 -4.45
CA GLU A 246 7.07 17.67 -4.84
C GLU A 246 7.21 16.34 -4.06
N LYS A 247 7.48 15.25 -4.77
CA LYS A 247 7.28 13.90 -4.19
C LYS A 247 8.44 13.45 -3.30
N SER A 248 9.59 14.09 -3.51
CA SER A 248 10.76 13.88 -2.69
C SER A 248 10.58 14.48 -1.32
N LYS A 249 9.67 15.44 -1.23
CA LYS A 249 9.50 16.29 -0.05
C LYS A 249 8.15 16.08 0.68
N SER A 250 7.41 15.03 0.33
CA SER A 250 6.15 14.73 1.01
C SER A 250 6.43 14.33 2.44
N PRO A 251 5.41 14.38 3.31
CA PRO A 251 5.63 13.86 4.64
C PRO A 251 6.22 12.44 4.67
N PRO A 252 5.57 11.45 4.02
CA PRO A 252 6.19 10.13 4.16
C PRO A 252 7.66 10.13 3.73
N ALA A 253 7.99 10.74 2.60
CA ALA A 253 9.37 10.65 2.15
C ALA A 253 10.29 11.24 3.20
N GLU A 254 9.91 12.38 3.77
CA GLU A 254 10.75 13.12 4.74
C GLU A 254 10.83 12.51 6.14
N PHE A 255 9.71 12.05 6.68
CA PHE A 255 9.75 11.36 7.97
C PHE A 255 10.55 10.07 7.88
N MET A 256 10.42 9.37 6.74
CA MET A 256 11.14 8.13 6.49
C MET A 256 12.65 8.40 6.40
N ARG A 257 13.00 9.51 5.76
CA ARG A 257 14.37 9.96 5.68
C ARG A 257 14.95 10.15 7.09
N MET A 258 14.22 10.90 7.92
CA MET A 258 14.63 11.22 9.28
C MET A 258 14.75 10.04 10.23
N ILE A 259 13.87 9.03 10.12
CA ILE A 259 13.95 7.86 10.99
C ILE A 259 14.80 6.75 10.40
N GLY A 260 15.06 6.82 9.09
CA GLY A 260 15.83 5.79 8.41
C GLY A 260 14.94 5.03 7.47
N ASN A 261 15.34 4.94 6.20
CA ASN A 261 14.60 4.16 5.20
C ASN A 261 14.65 2.66 5.44
N ASP A 262 15.58 2.25 6.28
CA ASP A 262 15.67 0.87 6.75
C ASP A 262 14.56 0.49 7.73
N LYS A 263 13.82 1.44 8.27
CA LYS A 263 12.77 1.11 9.22
C LYS A 263 11.55 0.58 8.47
N GLN A 264 11.01 -0.54 8.96
CA GLN A 264 9.94 -1.26 8.31
C GLN A 264 8.81 -1.61 9.26
N GLY A 265 7.59 -1.64 8.72
CA GLY A 265 6.39 -1.94 9.49
C GLY A 265 6.27 -1.22 10.83
N GLN A 266 5.79 -1.95 11.82
CA GLN A 266 5.58 -1.49 13.18
C GLN A 266 6.67 -0.58 13.71
N MET A 267 7.93 -0.86 13.38
CA MET A 267 9.07 0.00 13.78
C MET A 267 9.03 1.42 13.26
N ILE A 268 8.45 1.65 12.09
CA ILE A 268 8.31 3.01 11.56
C ILE A 268 7.60 3.88 12.64
N VAL A 269 6.57 3.30 13.26
CA VAL A 269 5.78 3.99 14.26
C VAL A 269 6.61 4.22 15.53
N PHE A 270 7.39 3.21 15.94
CA PHE A 270 8.25 3.33 17.11
C PHE A 270 9.21 4.51 16.94
N HIS A 271 9.81 4.59 15.76
CA HIS A 271 10.84 5.59 15.50
C HIS A 271 10.27 6.97 15.22
N LEU A 272 9.06 7.01 14.65
CA LEU A 272 8.31 8.24 14.46
C LEU A 272 7.92 8.87 15.80
N ILE A 273 7.48 8.04 16.74
CA ILE A 273 7.10 8.54 18.06
C ILE A 273 8.31 9.21 18.70
N GLU A 274 9.43 8.48 18.77
CA GLU A 274 10.68 9.03 19.31
C GLU A 274 11.08 10.31 18.58
N LEU A 275 11.07 10.27 17.26
CA LEU A 275 11.38 11.44 16.46
C LEU A 275 10.50 12.64 16.86
N LEU A 276 9.18 12.48 16.80
CA LEU A 276 8.27 13.56 17.21
C LEU A 276 8.48 13.99 18.67
N LYS A 277 8.72 13.02 19.56
CA LYS A 277 8.97 13.32 20.99
C LYS A 277 10.16 14.27 21.21
N ASN A 278 11.16 14.17 20.33
CA ASN A 278 12.37 15.00 20.41
C ASN A 278 12.37 16.22 19.49
N ASN A 279 11.20 16.63 19.02
CA ASN A 279 11.07 17.79 18.13
C ASN A 279 11.66 17.58 16.75
N GLY A 280 11.81 16.34 16.32
CA GLY A 280 12.03 16.07 14.91
C GLY A 280 10.77 16.47 14.18
N ARG A 281 10.94 17.28 13.14
CA ARG A 281 9.82 17.94 12.45
C ARG A 281 10.14 18.04 10.95
N LEU A 282 9.10 18.21 10.13
CA LEU A 282 9.30 18.45 8.70
C LEU A 282 9.95 19.82 8.51
N PRO A 283 10.95 19.91 7.62
CA PRO A 283 11.61 21.19 7.43
C PRO A 283 10.70 22.18 6.74
N ARG A 284 11.10 23.44 6.84
CA ARG A 284 10.44 24.51 6.13
C ARG A 284 10.64 24.29 4.64
N PRO A 285 9.53 24.18 3.88
CA PRO A 285 9.68 24.02 2.44
C PRO A 285 10.49 25.16 1.80
N ASP A 286 11.26 24.85 0.76
CA ASP A 286 11.96 25.85 -0.04
C ASP A 286 10.99 26.96 -0.41
N GLY A 287 11.31 28.18 -0.01
CA GLY A 287 10.59 29.38 -0.43
C GLY A 287 9.42 29.78 0.45
N CYS A 288 9.19 29.04 1.52
CA CYS A 288 8.03 29.30 2.34
C CYS A 288 8.12 30.62 3.13
N PRO A 289 7.12 31.52 2.96
CA PRO A 289 7.10 32.68 3.84
C PRO A 289 7.33 32.25 5.28
N ASP A 290 7.88 33.16 6.04
CA ASP A 290 8.35 32.86 7.37
C ASP A 290 7.19 32.74 8.35
N GLU A 291 6.21 33.63 8.25
CA GLU A 291 5.06 33.58 9.16
C GLU A 291 4.01 32.53 8.76
N ILE A 292 4.24 31.84 7.65
CA ILE A 292 3.51 30.63 7.30
C ILE A 292 4.19 29.42 7.92
N TYR A 293 5.51 29.45 8.02
CA TYR A 293 6.25 28.35 8.62
C TYR A 293 6.06 28.26 10.12
N MET A 294 5.71 29.38 10.74
CA MET A 294 5.49 29.47 12.16
C MET A 294 4.14 28.90 12.51
N ILE A 295 3.15 29.12 11.65
CA ILE A 295 1.84 28.44 11.78
C ILE A 295 1.98 26.90 11.77
N MET A 296 2.82 26.40 10.87
CA MET A 296 3.07 24.96 10.78
C MET A 296 3.59 24.45 12.09
N THR A 297 4.66 25.07 12.57
CA THR A 297 5.35 24.57 13.75
C THR A 297 4.52 24.75 15.03
N GLU A 298 3.70 25.80 15.10
CA GLU A 298 2.82 25.95 16.26
C GLU A 298 1.80 24.83 16.39
N CYS A 299 1.29 24.37 15.24
CA CYS A 299 0.41 23.23 15.15
C CYS A 299 1.10 21.95 15.56
N TRP A 300 2.33 21.78 15.13
CA TRP A 300 3.08 20.57 15.46
C TRP A 300 3.74 20.80 16.81
N ASN A 301 2.93 20.84 17.84
CA ASN A 301 3.37 21.08 19.20
C ASN A 301 3.04 19.83 20.00
N ASN A 302 4.03 19.28 20.70
CA ASN A 302 3.81 18.04 21.46
C ASN A 302 2.75 18.26 22.54
N ASN A 303 2.83 19.41 23.21
CA ASN A 303 1.85 19.84 24.18
C ASN A 303 0.52 20.12 23.51
N VAL A 304 -0.44 19.23 23.71
CA VAL A 304 -1.69 19.19 22.94
C VAL A 304 -2.52 20.46 23.06
N ASN A 305 -2.60 20.97 24.29
CA ASN A 305 -3.40 22.16 24.61
C ASN A 305 -2.82 23.44 24.05
N GLN A 306 -1.52 23.44 23.78
CA GLN A 306 -0.86 24.64 23.28
C GLN A 306 -1.02 24.89 21.78
N ARG A 307 -1.73 24.02 21.06
CA ARG A 307 -1.91 24.20 19.61
C ARG A 307 -3.00 25.21 19.30
N PRO A 308 -2.81 26.01 18.23
CA PRO A 308 -3.87 26.95 17.88
C PRO A 308 -5.23 26.31 17.62
N SER A 309 -6.28 27.09 17.77
CA SER A 309 -7.61 26.70 17.34
C SER A 309 -7.75 27.01 15.86
N PHE A 310 -8.73 26.40 15.20
CA PHE A 310 -9.02 26.77 13.83
C PHE A 310 -9.57 28.18 13.75
N ARG A 311 -10.29 28.61 14.78
CA ARG A 311 -10.83 29.97 14.83
C ARG A 311 -9.71 30.99 14.76
N ASP A 312 -8.65 30.73 15.52
CA ASP A 312 -7.48 31.60 15.53
C ASP A 312 -6.65 31.42 14.28
N LEU A 313 -6.61 30.19 13.76
CA LEU A 313 -5.87 29.92 12.54
C LEU A 313 -6.48 30.68 11.37
N ALA A 314 -7.81 30.64 11.24
CA ALA A 314 -8.54 31.31 10.15
C ALA A 314 -8.37 32.83 10.17
N LEU A 315 -8.52 33.41 11.37
CA LEU A 315 -8.23 34.82 11.59
C LEU A 315 -6.80 35.13 11.14
N ARG A 316 -5.82 34.40 11.69
CA ARG A 316 -4.41 34.61 11.35
C ARG A 316 -4.09 34.53 9.86
N VAL A 317 -4.62 33.50 9.19
CA VAL A 317 -4.39 33.30 7.77
C VAL A 317 -5.03 34.45 6.99
N ASP A 318 -6.27 34.80 7.30
CA ASP A 318 -6.88 35.97 6.68
C ASP A 318 -6.05 37.25 6.92
N GLN A 319 -5.54 37.45 8.12
CA GLN A 319 -4.66 38.62 8.42
C GLN A 319 -3.43 38.69 7.49
N ILE A 320 -2.76 37.58 7.30
CA ILE A 320 -1.62 37.54 6.38
C ILE A 320 -2.01 37.87 4.93
N ARG A 321 -3.15 37.35 4.46
CA ARG A 321 -3.64 37.66 3.10
C ARG A 321 -3.97 39.15 2.89
N ASP A 322 -4.41 39.82 3.95
CA ASP A 322 -4.66 41.26 3.89
C ASP A 322 -3.37 42.00 3.51
N GLN A 323 -2.33 41.78 4.30
CA GLN A 323 -1.06 42.47 4.12
C GLN A 323 -0.30 42.09 2.86
N MET A 324 -0.43 40.84 2.46
CA MET A 324 0.11 40.42 1.17
C MET A 324 -0.55 41.25 0.08
N ALA A 325 -1.87 41.39 0.16
CA ALA A 325 -2.68 42.01 -0.90
C ALA A 325 -2.33 43.49 -1.15
N GLY A 326 -2.15 44.24 -0.08
CA GLY A 326 -1.74 45.64 -0.16
C GLY A 326 -0.31 45.84 -0.66
N GLN B 37 37.17 -18.76 -0.03
CA GLN B 37 36.11 -19.13 -1.04
C GLN B 37 35.72 -20.62 -0.91
N PHE B 38 34.88 -21.12 -1.81
CA PHE B 38 34.36 -22.51 -1.73
C PHE B 38 34.89 -23.45 -2.84
N GLU B 39 35.84 -24.32 -2.50
CA GLU B 39 36.39 -25.30 -3.46
C GLU B 39 35.40 -26.44 -3.72
N GLU B 40 34.91 -26.52 -4.96
CA GLU B 40 33.86 -27.48 -5.32
C GLU B 40 34.22 -28.95 -5.05
N ARG B 41 35.50 -29.25 -4.87
CA ARG B 41 35.89 -30.63 -4.58
C ARG B 41 35.48 -31.01 -3.17
N HIS B 42 35.45 -30.04 -2.27
CA HIS B 42 35.03 -30.25 -0.88
C HIS B 42 33.49 -30.12 -0.64
N LEU B 43 32.73 -29.81 -1.68
CA LEU B 43 31.29 -29.88 -1.62
C LEU B 43 30.86 -31.35 -1.69
N LYS B 44 30.39 -31.92 -0.58
CA LYS B 44 29.82 -33.29 -0.62
C LYS B 44 28.30 -33.25 -0.73
N PHE B 45 27.75 -33.88 -1.78
CA PHE B 45 26.30 -34.04 -1.95
C PHE B 45 25.68 -34.79 -0.79
N LEU B 46 24.43 -34.47 -0.45
CA LEU B 46 23.73 -35.20 0.59
C LEU B 46 22.37 -35.61 0.07
N GLN B 47 21.62 -34.63 -0.40
CA GLN B 47 20.35 -34.87 -1.05
C GLN B 47 19.98 -33.65 -1.86
N GLN B 48 19.26 -33.88 -2.95
CA GLN B 48 18.65 -32.81 -3.69
C GLN B 48 17.58 -32.16 -2.81
N LEU B 49 17.30 -30.88 -3.04
CA LEU B 49 16.24 -30.16 -2.31
C LEU B 49 15.11 -29.74 -3.23
N GLY B 50 15.44 -29.15 -4.37
CA GLY B 50 14.43 -28.74 -5.34
C GLY B 50 15.00 -28.27 -6.64
N LYS B 51 14.12 -27.87 -7.56
CA LYS B 51 14.48 -27.61 -8.95
C LYS B 51 13.84 -26.33 -9.47
N GLY B 52 14.30 -25.19 -8.99
CA GLY B 52 13.70 -23.90 -9.33
C GLY B 52 14.05 -23.37 -10.72
N ASN B 53 13.02 -22.97 -11.47
CA ASN B 53 13.18 -22.22 -12.73
C ASN B 53 14.19 -22.83 -13.71
N PHE B 54 15.45 -22.38 -13.64
CA PHE B 54 16.47 -22.71 -14.64
C PHE B 54 17.49 -23.77 -14.16
N GLY B 55 17.45 -24.08 -12.86
CA GLY B 55 18.52 -24.88 -12.27
C GLY B 55 18.11 -25.92 -11.26
N SER B 56 19.04 -26.26 -10.39
CA SER B 56 18.79 -27.21 -9.34
C SER B 56 19.47 -26.78 -8.06
N VAL B 57 18.84 -27.07 -6.93
CA VAL B 57 19.41 -26.77 -5.62
C VAL B 57 19.64 -28.06 -4.85
N GLU B 58 20.86 -28.26 -4.39
CA GLU B 58 21.21 -29.45 -3.59
C GLU B 58 21.66 -29.11 -2.17
N MET B 59 21.54 -30.09 -1.29
CA MET B 59 22.06 -29.98 0.06
C MET B 59 23.45 -30.62 0.08
N CYS B 60 24.46 -29.78 0.33
CA CYS B 60 25.84 -30.22 0.36
C CYS B 60 26.54 -29.86 1.65
N ARG B 61 27.62 -30.56 1.91
CA ARG B 61 28.44 -30.28 3.06
C ARG B 61 29.81 -29.80 2.59
N TYR B 62 30.20 -28.61 3.03
CA TYR B 62 31.52 -28.09 2.76
C TYR B 62 32.46 -28.67 3.81
N ASP B 63 33.27 -29.64 3.38
CA ASP B 63 33.98 -30.49 4.29
C ASP B 63 35.45 -30.69 3.87
N PRO B 64 36.28 -29.65 4.06
CA PRO B 64 37.65 -29.68 3.58
C PRO B 64 38.55 -30.52 4.47
N LEU B 65 38.35 -30.43 5.79
CA LEU B 65 39.04 -31.30 6.76
C LEU B 65 38.66 -32.76 6.51
N GLN B 66 37.62 -32.99 5.71
CA GLN B 66 37.30 -34.31 5.13
C GLN B 66 36.85 -35.32 6.17
N ASP B 67 36.68 -34.87 7.41
CA ASP B 67 36.32 -35.72 8.55
C ASP B 67 34.81 -35.71 8.80
N ASN B 68 34.07 -35.04 7.93
CA ASN B 68 32.60 -35.04 7.94
C ASN B 68 31.96 -34.10 8.97
N THR B 69 32.75 -33.17 9.48
CA THR B 69 32.25 -32.18 10.42
C THR B 69 31.80 -30.87 9.75
N GLY B 70 32.02 -30.74 8.45
CA GLY B 70 31.92 -29.45 7.79
C GLY B 70 30.51 -28.90 7.77
N GLU B 71 30.38 -27.61 7.45
CA GLU B 71 29.09 -26.91 7.45
C GLU B 71 28.19 -27.29 6.26
N VAL B 72 26.90 -27.50 6.57
CA VAL B 72 25.90 -27.89 5.58
C VAL B 72 25.32 -26.65 4.91
N VAL B 73 25.49 -26.55 3.59
CA VAL B 73 25.09 -25.37 2.83
C VAL B 73 24.13 -25.80 1.73
N ALA B 74 23.45 -24.86 1.11
CA ALA B 74 22.59 -25.16 -0.03
C ALA B 74 23.33 -24.72 -1.25
N VAL B 75 23.23 -25.49 -2.33
CA VAL B 75 24.03 -25.25 -3.54
C VAL B 75 23.17 -25.27 -4.77
N LYS B 76 23.08 -24.13 -5.46
CA LYS B 76 22.35 -24.05 -6.73
C LYS B 76 23.29 -24.26 -7.91
N LYS B 77 22.87 -25.06 -8.87
CA LYS B 77 23.61 -25.18 -10.13
C LYS B 77 22.67 -25.16 -11.34
N LEU B 78 23.23 -24.94 -12.53
CA LEU B 78 22.45 -24.88 -13.75
C LEU B 78 22.44 -26.25 -14.39
N GLN B 79 21.23 -26.74 -14.62
CA GLN B 79 21.00 -28.12 -15.03
C GLN B 79 21.51 -28.31 -16.46
N HIS B 80 20.72 -27.85 -17.43
CA HIS B 80 21.09 -28.00 -18.81
C HIS B 80 21.38 -26.59 -19.33
N SER B 81 22.47 -26.04 -18.77
CA SER B 81 22.96 -24.67 -18.99
C SER B 81 23.25 -24.30 -20.45
N THR B 82 23.14 -22.99 -20.73
CA THR B 82 23.46 -22.40 -22.03
C THR B 82 24.71 -21.52 -21.83
N GLU B 83 24.89 -20.53 -22.70
CA GLU B 83 25.68 -19.33 -22.39
C GLU B 83 24.72 -18.15 -22.13
N GLU B 84 23.47 -18.26 -22.58
CA GLU B 84 22.43 -17.29 -22.21
C GLU B 84 22.18 -17.39 -20.71
N HIS B 85 21.82 -18.60 -20.25
CA HIS B 85 21.51 -18.84 -18.84
C HIS B 85 22.67 -18.58 -17.91
N LEU B 86 23.87 -18.83 -18.38
CA LEU B 86 25.06 -18.58 -17.57
C LEU B 86 25.22 -17.08 -17.26
N ARG B 87 24.74 -16.21 -18.16
CA ARG B 87 24.75 -14.76 -17.90
C ARG B 87 23.54 -14.36 -17.04
N ASP B 88 22.42 -15.07 -17.18
CA ASP B 88 21.27 -14.81 -16.32
C ASP B 88 21.50 -15.38 -14.91
N PHE B 89 22.25 -16.48 -14.82
CA PHE B 89 22.55 -17.09 -13.53
C PHE B 89 23.59 -16.28 -12.80
N GLU B 90 24.50 -15.64 -13.53
CA GLU B 90 25.49 -14.83 -12.87
C GLU B 90 24.87 -13.50 -12.39
N ARG B 91 23.86 -13.01 -13.11
CA ARG B 91 23.18 -11.80 -12.69
C ARG B 91 22.34 -12.08 -11.45
N GLU B 92 21.74 -13.28 -11.40
CA GLU B 92 21.03 -13.76 -10.21
C GLU B 92 21.92 -13.76 -8.93
N ILE B 93 23.14 -14.29 -9.10
CA ILE B 93 24.16 -14.32 -8.05
C ILE B 93 24.50 -12.92 -7.52
N GLU B 94 24.69 -11.94 -8.43
CA GLU B 94 25.00 -10.55 -8.02
C GLU B 94 23.84 -9.82 -7.30
N ILE B 95 22.60 -10.03 -7.75
CA ILE B 95 21.44 -9.57 -7.01
C ILE B 95 21.54 -10.03 -5.55
N LEU B 96 21.54 -11.36 -5.36
CA LEU B 96 21.45 -11.97 -4.04
C LEU B 96 22.60 -11.56 -3.15
N LYS B 97 23.79 -11.60 -3.74
CA LYS B 97 25.04 -11.12 -3.14
C LYS B 97 24.77 -9.74 -2.55
N SER B 98 24.12 -8.89 -3.33
CA SER B 98 23.92 -7.49 -2.96
C SER B 98 22.79 -7.26 -1.94
N LEU B 99 21.96 -8.28 -1.71
CA LEU B 99 20.80 -8.19 -0.81
C LEU B 99 21.08 -8.77 0.58
N GLN B 100 21.00 -7.90 1.59
CA GLN B 100 21.24 -8.28 2.99
C GLN B 100 20.08 -7.85 3.86
N HIS B 101 19.23 -8.81 4.18
CA HIS B 101 18.04 -8.53 4.93
C HIS B 101 17.61 -9.82 5.59
N ASP B 102 17.11 -9.72 6.82
CA ASP B 102 16.71 -10.89 7.60
C ASP B 102 15.69 -11.76 6.88
N ASN B 103 14.90 -11.15 5.99
CA ASN B 103 13.83 -11.88 5.29
C ASN B 103 14.15 -12.19 3.83
N ILE B 104 15.43 -12.22 3.49
CA ILE B 104 15.90 -12.69 2.18
C ILE B 104 17.06 -13.67 2.39
N VAL B 105 16.96 -14.86 1.79
CA VAL B 105 17.96 -15.93 1.94
C VAL B 105 19.38 -15.40 1.74
N LYS B 106 20.32 -15.86 2.59
CA LYS B 106 21.72 -15.36 2.61
C LYS B 106 22.58 -16.00 1.54
N TYR B 107 23.13 -15.17 0.69
CA TYR B 107 24.29 -15.53 -0.11
C TYR B 107 25.49 -15.88 0.80
N LYS B 108 26.23 -16.94 0.44
CA LYS B 108 27.49 -17.30 1.14
C LYS B 108 28.74 -17.26 0.26
N GLY B 109 28.61 -17.58 -1.03
CA GLY B 109 29.76 -17.54 -1.93
C GLY B 109 29.44 -18.14 -3.27
N VAL B 110 30.42 -18.13 -4.17
CA VAL B 110 30.29 -18.83 -5.45
C VAL B 110 31.31 -19.96 -5.56
N CYS B 111 31.26 -20.65 -6.69
CA CYS B 111 32.10 -21.79 -6.95
C CYS B 111 32.36 -21.81 -8.46
N TYR B 112 33.64 -21.86 -8.86
CA TYR B 112 34.01 -21.90 -10.28
C TYR B 112 34.54 -23.28 -10.76
N SER B 113 34.49 -23.49 -12.08
CA SER B 113 34.83 -24.79 -12.68
C SER B 113 36.31 -24.88 -13.11
N ASN B 118 30.57 -24.03 -15.36
CA ASN B 118 29.52 -24.28 -14.39
C ASN B 118 29.78 -23.54 -13.06
N LEU B 119 29.36 -22.28 -13.05
CA LEU B 119 29.23 -21.47 -11.86
C LEU B 119 28.21 -22.13 -10.90
N LYS B 120 28.54 -22.22 -9.62
CA LYS B 120 27.62 -22.76 -8.61
C LYS B 120 27.37 -21.73 -7.51
N LEU B 121 26.12 -21.60 -7.06
CA LEU B 121 25.74 -20.62 -6.01
C LEU B 121 25.60 -21.28 -4.65
N ILE B 122 26.30 -20.74 -3.66
CA ILE B 122 26.31 -21.31 -2.31
C ILE B 122 25.49 -20.42 -1.39
N MET B 123 24.57 -21.03 -0.66
CA MET B 123 23.60 -20.30 0.16
C MET B 123 23.43 -21.00 1.49
N GLU B 124 22.94 -20.27 2.48
CA GLU B 124 22.56 -20.87 3.73
C GLU B 124 21.52 -21.94 3.47
N TYR B 125 21.66 -23.07 4.16
CA TYR B 125 20.63 -24.07 4.16
C TYR B 125 19.59 -23.75 5.23
N LEU B 126 18.32 -23.64 4.80
CA LEU B 126 17.18 -23.45 5.67
C LEU B 126 16.39 -24.78 5.76
N PRO B 127 16.33 -25.40 6.96
CA PRO B 127 15.89 -26.80 7.09
C PRO B 127 14.42 -27.13 6.90
N TYR B 128 13.51 -26.14 6.91
CA TYR B 128 12.07 -26.42 6.85
C TYR B 128 11.47 -26.31 5.43
N GLY B 129 12.29 -26.15 4.41
CA GLY B 129 11.81 -26.01 3.03
C GLY B 129 10.94 -24.80 2.73
N SER B 130 10.20 -24.90 1.62
CA SER B 130 9.37 -23.83 1.14
C SER B 130 8.16 -23.64 2.03
N LEU B 131 7.60 -22.44 1.99
CA LEU B 131 6.42 -22.11 2.74
C LEU B 131 5.27 -23.00 2.30
N ARG B 132 5.17 -23.23 1.00
CA ARG B 132 4.11 -24.06 0.40
C ARG B 132 4.04 -25.47 1.00
N ASP B 133 5.19 -26.13 1.11
CA ASP B 133 5.25 -27.48 1.68
C ASP B 133 4.95 -27.43 3.16
N TYR B 134 5.46 -26.39 3.80
CA TYR B 134 5.34 -26.24 5.24
C TYR B 134 3.87 -26.01 5.64
N LEU B 135 3.23 -25.02 5.02
CA LEU B 135 1.82 -24.73 5.22
C LEU B 135 0.94 -25.93 4.84
N GLN B 136 1.28 -26.62 3.76
CA GLN B 136 0.56 -27.82 3.36
C GLN B 136 0.71 -28.98 4.36
N LYS B 137 1.92 -29.36 4.77
CA LYS B 137 2.10 -30.37 5.82
C LYS B 137 1.29 -30.04 7.06
N HIS B 138 1.62 -28.90 7.67
CA HIS B 138 1.05 -28.50 8.94
C HIS B 138 -0.27 -27.72 8.82
N LYS B 139 -0.87 -27.70 7.64
CA LYS B 139 -2.10 -26.92 7.36
C LYS B 139 -2.95 -26.64 8.58
N GLU B 140 -3.21 -25.36 8.85
CA GLU B 140 -4.30 -24.96 9.77
C GLU B 140 -3.93 -25.08 11.25
N ARG B 141 -2.82 -25.76 11.55
CA ARG B 141 -2.17 -25.70 12.86
C ARG B 141 -1.25 -24.50 12.86
N ILE B 142 -0.97 -23.97 11.67
CA ILE B 142 -0.44 -22.62 11.53
C ILE B 142 -1.65 -21.67 11.52
N ASP B 143 -1.85 -21.02 12.66
CA ASP B 143 -2.99 -20.15 12.88
C ASP B 143 -2.78 -18.82 12.15
N HIS B 144 -3.81 -17.98 12.16
CA HIS B 144 -3.76 -16.68 11.49
C HIS B 144 -2.71 -15.71 12.07
N ILE B 145 -2.39 -15.83 13.37
CA ILE B 145 -1.28 -15.04 13.95
C ILE B 145 0.00 -15.33 13.14
N LYS B 146 0.28 -16.61 12.92
CA LYS B 146 1.52 -17.05 12.25
C LYS B 146 1.58 -16.67 10.77
N LEU B 147 0.49 -16.95 10.05
CA LEU B 147 0.36 -16.54 8.67
C LEU B 147 0.64 -15.04 8.52
N LEU B 148 0.12 -14.24 9.44
CA LEU B 148 0.30 -12.80 9.37
C LEU B 148 1.74 -12.37 9.70
N GLN B 149 2.41 -13.13 10.55
CA GLN B 149 3.82 -12.91 10.82
C GLN B 149 4.66 -13.20 9.56
N TYR B 150 4.44 -14.36 8.96
CA TYR B 150 5.10 -14.70 7.71
C TYR B 150 4.80 -13.63 6.66
N THR B 151 3.52 -13.28 6.53
CA THR B 151 3.05 -12.27 5.58
C THR B 151 3.81 -10.96 5.76
N SER B 152 3.79 -10.43 6.97
CA SER B 152 4.54 -9.20 7.29
C SER B 152 5.97 -9.33 6.85
N GLN B 153 6.56 -10.48 7.17
CA GLN B 153 7.97 -10.73 6.88
C GLN B 153 8.21 -10.71 5.38
N ILE B 154 7.27 -11.30 4.64
CA ILE B 154 7.33 -11.28 3.19
C ILE B 154 7.30 -9.84 2.68
N CYS B 155 6.46 -8.98 3.27
CA CYS B 155 6.43 -7.55 2.91
C CYS B 155 7.75 -6.82 3.22
N LYS B 156 8.30 -7.02 4.41
CA LYS B 156 9.54 -6.35 4.75
C LYS B 156 10.65 -6.74 3.77
N GLY B 157 10.72 -8.02 3.43
CA GLY B 157 11.66 -8.48 2.42
C GLY B 157 11.55 -7.78 1.09
N MET B 158 10.33 -7.53 0.65
CA MET B 158 10.08 -6.86 -0.63
C MET B 158 10.34 -5.36 -0.56
N GLU B 159 9.98 -4.70 0.55
CA GLU B 159 10.26 -3.26 0.66
C GLU B 159 11.72 -3.07 0.34
N TYR B 160 12.55 -3.82 1.07
CA TYR B 160 14.00 -3.71 0.96
C TYR B 160 14.46 -4.00 -0.46
N LEU B 161 13.89 -5.06 -1.01
CA LEU B 161 14.11 -5.49 -2.38
C LEU B 161 13.79 -4.36 -3.40
N GLY B 162 12.67 -3.68 -3.22
CA GLY B 162 12.28 -2.57 -4.09
C GLY B 162 13.17 -1.35 -3.95
N THR B 163 13.68 -1.15 -2.73
CA THR B 163 14.65 -0.10 -2.40
C THR B 163 15.91 -0.14 -3.26
N LYS B 164 16.24 -1.31 -3.79
CA LYS B 164 17.37 -1.45 -4.69
C LYS B 164 16.94 -1.63 -6.13
N ARG B 165 15.69 -1.24 -6.44
CA ARG B 165 15.19 -1.22 -7.82
C ARG B 165 15.21 -2.57 -8.52
N TYR B 166 14.93 -3.63 -7.75
CA TYR B 166 14.83 -4.99 -8.26
C TYR B 166 13.35 -5.37 -8.30
N ILE B 167 13.01 -6.21 -9.28
CA ILE B 167 11.65 -6.70 -9.44
C ILE B 167 11.75 -8.23 -9.53
N HIS B 168 11.23 -8.89 -8.49
CA HIS B 168 11.28 -10.34 -8.33
C HIS B 168 10.66 -11.13 -9.46
N ARG B 169 9.52 -10.69 -9.98
CA ARG B 169 8.88 -11.37 -11.11
C ARG B 169 8.44 -12.83 -10.86
N ASP B 170 8.50 -13.28 -9.61
CA ASP B 170 8.08 -14.64 -9.28
C ASP B 170 7.82 -14.87 -7.76
N LEU B 171 7.13 -13.93 -7.11
CA LEU B 171 6.77 -14.07 -5.69
C LEU B 171 5.63 -15.09 -5.60
N ALA B 172 5.88 -16.17 -4.87
CA ALA B 172 4.93 -17.29 -4.69
C ALA B 172 5.43 -18.16 -3.52
N THR B 173 4.52 -18.89 -2.90
CA THR B 173 4.91 -19.61 -1.69
C THR B 173 5.93 -20.74 -1.95
N ARG B 174 6.01 -21.27 -3.18
CA ARG B 174 7.07 -22.25 -3.52
C ARG B 174 8.48 -21.67 -3.48
N ASN B 175 8.60 -20.35 -3.61
CA ASN B 175 9.88 -19.61 -3.62
C ASN B 175 10.20 -18.89 -2.32
N ILE B 176 9.35 -19.05 -1.31
CA ILE B 176 9.56 -18.46 0.00
C ILE B 176 9.99 -19.57 0.94
N LEU B 177 11.09 -19.37 1.65
CA LEU B 177 11.71 -20.45 2.42
C LEU B 177 11.45 -20.22 3.89
N VAL B 178 11.41 -21.29 4.68
CA VAL B 178 11.19 -21.22 6.13
C VAL B 178 12.43 -21.60 6.92
N GLU B 179 12.88 -20.68 7.77
CA GLU B 179 14.07 -20.89 8.60
C GLU B 179 13.67 -21.68 9.83
N ASN B 180 12.67 -21.16 10.53
CA ASN B 180 12.08 -21.81 11.71
C ASN B 180 10.62 -21.37 11.85
N GLU B 181 9.88 -21.92 12.81
CA GLU B 181 8.47 -21.53 13.06
C GLU B 181 8.22 -20.01 13.02
N ASN B 182 9.22 -19.23 13.44
CA ASN B 182 9.10 -17.78 13.59
C ASN B 182 9.65 -16.92 12.44
N ARG B 183 10.22 -17.53 11.39
CA ARG B 183 10.85 -16.74 10.32
C ARG B 183 10.90 -17.37 8.92
N VAL B 184 10.39 -16.66 7.92
CA VAL B 184 10.58 -17.04 6.52
C VAL B 184 11.51 -16.06 5.80
N LYS B 185 12.03 -16.49 4.65
CA LYS B 185 12.83 -15.64 3.81
C LYS B 185 12.42 -15.78 2.36
N ILE B 186 12.56 -14.69 1.59
CA ILE B 186 12.29 -14.75 0.15
C ILE B 186 13.52 -15.32 -0.58
N GLY B 187 13.30 -16.31 -1.46
CA GLY B 187 14.35 -16.84 -2.32
C GLY B 187 13.94 -16.90 -3.78
N ASP B 188 14.74 -17.60 -4.58
CA ASP B 188 14.60 -17.71 -6.03
C ASP B 188 14.53 -16.38 -6.81
N PHE B 189 15.70 -15.77 -6.97
CA PHE B 189 15.87 -14.54 -7.77
C PHE B 189 16.18 -14.79 -9.26
N GLY B 190 15.83 -15.97 -9.76
CA GLY B 190 16.14 -16.38 -11.13
C GLY B 190 15.46 -15.56 -12.22
N LEU B 191 14.27 -15.02 -11.94
CA LEU B 191 13.57 -14.11 -12.89
C LEU B 191 13.69 -12.61 -12.51
N THR B 192 14.42 -12.29 -11.45
CA THR B 192 14.51 -10.91 -11.01
C THR B 192 15.16 -10.01 -12.04
N LYS B 193 14.63 -8.80 -12.20
CA LYS B 193 15.23 -7.78 -13.07
C LYS B 193 15.48 -6.49 -12.31
N VAL B 194 16.55 -5.79 -12.69
CA VAL B 194 16.85 -4.47 -12.19
C VAL B 194 16.11 -3.47 -13.07
N LEU B 195 15.38 -2.54 -12.45
CA LEU B 195 14.82 -1.42 -13.21
C LEU B 195 15.97 -0.59 -13.81
N PRO B 196 15.82 -0.13 -15.07
CA PRO B 196 16.74 0.90 -15.58
C PRO B 196 16.55 2.25 -14.86
N GLN B 197 17.50 3.17 -15.03
CA GLN B 197 17.53 4.45 -14.28
C GLN B 197 16.27 5.27 -14.48
N ASP B 198 15.89 5.46 -15.72
CA ASP B 198 14.84 6.41 -16.07
C ASP B 198 13.42 5.83 -16.17
N LYS B 199 13.20 4.61 -15.70
CA LYS B 199 11.89 3.98 -15.82
C LYS B 199 11.47 3.18 -14.58
N GLU B 200 10.16 3.03 -14.40
CA GLU B 200 9.61 2.36 -13.21
C GLU B 200 8.97 1.02 -13.54
N PTR B 201 9.24 0.52 -14.75
CA PTR B 201 8.96 -0.86 -15.12
C PTR B 201 10.11 -1.46 -15.93
O PTR B 201 11.06 -0.76 -16.28
CB PTR B 201 7.69 -0.99 -15.96
CG PTR B 201 7.79 -0.31 -17.30
CD1 PTR B 201 8.41 -0.93 -18.38
CD2 PTR B 201 7.26 0.96 -17.48
CE1 PTR B 201 8.50 -0.31 -19.61
CE2 PTR B 201 7.35 1.59 -18.70
CZ PTR B 201 7.96 0.95 -19.77
OH PTR B 201 8.07 1.50 -20.88
P PTR B 201 6.99 2.48 -21.58
O1P PTR B 201 6.33 3.52 -20.64
O2P PTR B 201 7.82 3.23 -22.54
O3P PTR B 201 5.90 1.63 -22.26
N PTR B 202 10.01 -2.75 -16.23
CA PTR B 202 10.85 -3.43 -17.18
C PTR B 202 9.97 -4.28 -18.13
O PTR B 202 9.13 -5.05 -17.67
CB PTR B 202 11.85 -4.22 -16.33
CG PTR B 202 12.91 -4.97 -17.12
CD1 PTR B 202 14.26 -4.59 -17.07
CD2 PTR B 202 12.56 -6.05 -17.91
CE1 PTR B 202 15.22 -5.28 -17.81
CE2 PTR B 202 13.50 -6.75 -18.63
CZ PTR B 202 14.83 -6.37 -18.58
OH PTR B 202 15.58 -7.07 -19.29
P PTR B 202 17.18 -7.26 -19.21
O1P PTR B 202 17.81 -6.02 -19.87
O2P PTR B 202 17.63 -7.36 -17.80
O3P PTR B 202 17.52 -8.55 -19.99
N LYS B 203 10.13 -4.09 -19.45
CA LYS B 203 9.58 -5.00 -20.47
C LYS B 203 10.51 -6.19 -20.72
N VAL B 204 10.04 -7.43 -20.49
CA VAL B 204 10.77 -8.62 -20.98
C VAL B 204 10.34 -8.80 -22.44
N LYS B 205 11.22 -9.28 -23.32
CA LYS B 205 11.01 -9.08 -24.79
C LYS B 205 10.09 -10.04 -25.63
N GLU B 206 10.12 -11.38 -25.67
CA GLU B 206 11.14 -12.39 -25.26
C GLU B 206 10.89 -13.27 -24.03
N PRO B 207 9.64 -13.39 -23.55
CA PRO B 207 9.54 -14.17 -22.30
C PRO B 207 9.84 -15.69 -22.39
N GLY B 208 10.26 -16.24 -21.26
CA GLY B 208 10.38 -17.69 -21.06
C GLY B 208 9.17 -18.22 -20.30
N GLU B 209 9.30 -19.42 -19.73
CA GLU B 209 8.24 -20.01 -18.92
C GLU B 209 7.90 -18.97 -17.86
N SER B 210 6.61 -18.77 -17.62
CA SER B 210 6.14 -17.62 -16.84
C SER B 210 4.98 -18.01 -15.95
N PRO B 211 5.02 -17.65 -14.66
CA PRO B 211 3.96 -17.97 -13.71
C PRO B 211 2.75 -17.08 -13.92
N ILE B 212 2.05 -17.31 -15.04
CA ILE B 212 1.00 -16.41 -15.49
C ILE B 212 -0.13 -16.20 -14.47
N PHE B 213 -0.45 -17.23 -13.69
CA PHE B 213 -1.50 -17.13 -12.66
C PHE B 213 -1.10 -16.26 -11.46
N TRP B 214 0.15 -15.83 -11.41
CA TRP B 214 0.60 -14.80 -10.47
C TRP B 214 0.76 -13.42 -11.14
N TYR B 215 0.64 -13.38 -12.48
CA TYR B 215 0.94 -12.15 -13.23
C TYR B 215 -0.15 -11.10 -13.19
N ALA B 216 0.27 -9.84 -13.12
CA ALA B 216 -0.66 -8.71 -13.15
C ALA B 216 -1.09 -8.51 -14.62
N PRO B 217 -2.26 -7.93 -14.86
CA PRO B 217 -2.76 -7.80 -16.25
C PRO B 217 -1.75 -7.27 -17.25
N GLU B 218 -0.99 -6.24 -16.84
CA GLU B 218 -0.07 -5.53 -17.73
C GLU B 218 1.19 -6.35 -18.04
N SER B 219 1.49 -7.29 -17.16
CA SER B 219 2.57 -8.22 -17.43
C SER B 219 2.12 -9.22 -18.46
N LEU B 220 0.85 -9.61 -18.43
CA LEU B 220 0.29 -10.54 -19.42
C LEU B 220 0.10 -9.87 -20.78
N THR B 221 -0.59 -8.74 -20.80
CA THR B 221 -0.79 -8.00 -22.04
C THR B 221 0.50 -7.44 -22.65
N GLU B 222 1.35 -6.80 -21.85
CA GLU B 222 2.50 -6.03 -22.39
C GLU B 222 3.88 -6.39 -21.86
N SER B 223 3.98 -7.41 -21.02
CA SER B 223 5.26 -7.77 -20.37
C SER B 223 5.90 -6.65 -19.56
N LYS B 224 5.08 -5.75 -19.03
CA LYS B 224 5.55 -4.72 -18.12
C LYS B 224 5.65 -5.32 -16.72
N PHE B 225 6.87 -5.35 -16.16
CA PHE B 225 7.07 -5.73 -14.77
C PHE B 225 7.52 -4.55 -13.92
N SER B 226 7.01 -4.49 -12.69
CA SER B 226 7.37 -3.39 -11.79
C SER B 226 7.18 -3.77 -10.33
N VAL B 227 7.50 -2.83 -9.45
CA VAL B 227 7.21 -2.98 -8.04
C VAL B 227 5.70 -3.22 -7.83
N ALA B 228 4.88 -2.58 -8.66
CA ALA B 228 3.45 -2.74 -8.59
C ALA B 228 3.00 -4.13 -9.05
N SER B 229 3.63 -4.70 -10.09
CA SER B 229 3.28 -6.10 -10.47
C SER B 229 3.77 -7.15 -9.47
N ASP B 230 4.83 -6.83 -8.70
CA ASP B 230 5.22 -7.68 -7.56
C ASP B 230 4.19 -7.58 -6.43
N VAL B 231 3.60 -6.41 -6.22
CA VAL B 231 2.48 -6.31 -5.23
C VAL B 231 1.26 -7.16 -5.62
N TRP B 232 0.99 -7.29 -6.91
CA TRP B 232 -0.12 -8.15 -7.40
C TRP B 232 0.15 -9.61 -7.05
N SER B 233 1.35 -10.08 -7.39
CA SER B 233 1.84 -11.40 -6.98
C SER B 233 1.78 -11.61 -5.45
N PHE B 234 2.13 -10.59 -4.68
CA PHE B 234 2.03 -10.71 -3.24
C PHE B 234 0.58 -10.94 -2.81
N GLY B 235 -0.36 -10.26 -3.47
CA GLY B 235 -1.78 -10.50 -3.21
C GLY B 235 -2.10 -11.98 -3.37
N VAL B 236 -1.62 -12.58 -4.45
CA VAL B 236 -1.87 -14.00 -4.68
C VAL B 236 -1.12 -14.87 -3.66
N VAL B 237 0.04 -14.42 -3.19
CA VAL B 237 0.75 -15.11 -2.13
C VAL B 237 -0.08 -15.14 -0.83
N LEU B 238 -0.77 -14.04 -0.57
CA LEU B 238 -1.66 -13.94 0.60
C LEU B 238 -2.87 -14.87 0.49
N TYR B 239 -3.38 -15.00 -0.74
CA TYR B 239 -4.41 -15.97 -1.05
C TYR B 239 -3.91 -17.37 -0.74
N GLU B 240 -2.77 -17.70 -1.34
CA GLU B 240 -2.17 -19.00 -1.10
C GLU B 240 -2.16 -19.29 0.39
N LEU B 241 -1.50 -18.44 1.17
CA LEU B 241 -1.32 -18.69 2.60
C LEU B 241 -2.66 -19.08 3.23
N PHE B 242 -3.68 -18.27 2.94
CA PHE B 242 -4.96 -18.43 3.63
C PHE B 242 -5.86 -19.55 3.06
N THR B 243 -5.50 -20.09 1.90
CA THR B 243 -6.09 -21.35 1.43
C THR B 243 -5.45 -22.58 2.10
N TYR B 244 -4.33 -22.35 2.80
CA TYR B 244 -3.56 -23.45 3.41
C TYR B 244 -3.18 -24.48 2.34
N ILE B 245 -2.81 -23.99 1.16
CA ILE B 245 -2.53 -24.80 -0.03
C ILE B 245 -3.48 -26.00 -0.20
N GLU B 246 -4.78 -25.79 0.08
CA GLU B 246 -5.83 -26.73 -0.31
C GLU B 246 -5.73 -26.90 -1.81
N LYS B 247 -5.57 -28.14 -2.26
CA LYS B 247 -4.99 -28.39 -3.57
C LYS B 247 -5.89 -27.91 -4.72
N SER B 248 -7.19 -28.02 -4.51
CA SER B 248 -8.17 -27.60 -5.51
C SER B 248 -8.38 -26.09 -5.53
N LYS B 249 -7.82 -25.37 -4.57
CA LYS B 249 -8.02 -23.94 -4.44
C LYS B 249 -6.83 -23.09 -4.91
N SER B 250 -5.76 -23.74 -5.40
CA SER B 250 -4.63 -23.05 -6.05
C SER B 250 -5.10 -22.02 -7.07
N PRO B 251 -4.29 -20.98 -7.30
CA PRO B 251 -4.63 -20.08 -8.39
C PRO B 251 -4.76 -20.79 -9.76
N PRO B 252 -3.79 -21.64 -10.14
CA PRO B 252 -4.04 -22.34 -11.40
C PRO B 252 -5.38 -23.05 -11.45
N ALA B 253 -5.71 -23.87 -10.45
CA ALA B 253 -7.01 -24.58 -10.50
C ALA B 253 -8.15 -23.59 -10.67
N GLU B 254 -8.18 -22.55 -9.84
CA GLU B 254 -9.31 -21.61 -9.77
C GLU B 254 -9.45 -20.71 -10.98
N PHE B 255 -8.34 -20.26 -11.55
CA PHE B 255 -8.41 -19.47 -12.79
C PHE B 255 -8.82 -20.35 -13.96
N MET B 256 -8.31 -21.57 -14.03
CA MET B 256 -8.70 -22.51 -15.08
C MET B 256 -10.19 -22.82 -14.98
N ARG B 257 -10.73 -22.81 -13.77
CA ARG B 257 -12.15 -23.07 -13.61
C ARG B 257 -12.96 -21.90 -14.17
N MET B 258 -12.50 -20.70 -13.89
CA MET B 258 -13.18 -19.48 -14.29
C MET B 258 -13.11 -19.32 -15.81
N ILE B 259 -11.90 -19.39 -16.35
CA ILE B 259 -11.64 -19.35 -17.79
C ILE B 259 -12.34 -20.49 -18.53
N GLY B 260 -12.38 -21.67 -17.88
CA GLY B 260 -12.83 -22.90 -18.53
C GLY B 260 -11.66 -23.86 -18.64
N ASN B 261 -11.84 -25.09 -18.16
CA ASN B 261 -10.77 -26.10 -18.23
C ASN B 261 -10.47 -26.57 -19.62
N ASP B 262 -11.45 -26.40 -20.50
CA ASP B 262 -11.32 -26.61 -21.94
C ASP B 262 -10.30 -25.71 -22.66
N LYS B 263 -9.92 -24.59 -22.05
CA LYS B 263 -8.93 -23.66 -22.66
C LYS B 263 -7.54 -24.25 -22.45
N GLN B 264 -6.64 -24.18 -23.43
CA GLN B 264 -5.39 -24.91 -23.23
C GLN B 264 -4.03 -24.36 -23.66
N GLY B 265 -3.95 -23.51 -24.66
CA GLY B 265 -2.62 -23.02 -25.04
C GLY B 265 -2.48 -21.55 -24.72
N GLN B 266 -1.97 -20.82 -25.70
CA GLN B 266 -2.05 -19.38 -25.76
C GLN B 266 -3.42 -18.92 -25.27
N MET B 267 -4.48 -19.63 -25.64
CA MET B 267 -5.85 -19.28 -25.23
C MET B 267 -6.04 -19.14 -23.74
N ILE B 268 -5.28 -19.90 -22.94
CA ILE B 268 -5.33 -19.73 -21.48
C ILE B 268 -5.01 -18.26 -21.14
N VAL B 269 -4.01 -17.69 -21.80
CA VAL B 269 -3.61 -16.33 -21.54
C VAL B 269 -4.66 -15.35 -22.12
N PHE B 270 -5.17 -15.62 -23.31
CA PHE B 270 -6.16 -14.72 -23.95
C PHE B 270 -7.39 -14.54 -23.07
N HIS B 271 -7.84 -15.66 -22.50
CA HIS B 271 -9.06 -15.69 -21.69
C HIS B 271 -8.84 -15.13 -20.30
N LEU B 272 -7.65 -15.39 -19.73
CA LEU B 272 -7.25 -14.83 -18.40
C LEU B 272 -7.19 -13.30 -18.43
N ILE B 273 -6.58 -12.73 -19.46
CA ILE B 273 -6.56 -11.28 -19.66
C ILE B 273 -7.99 -10.73 -19.63
N GLU B 274 -8.89 -11.35 -20.38
CA GLU B 274 -10.29 -10.89 -20.43
C GLU B 274 -11.00 -11.08 -19.09
N LEU B 275 -10.65 -12.14 -18.38
CA LEU B 275 -11.24 -12.42 -17.06
C LEU B 275 -10.82 -11.35 -16.05
N LEU B 276 -9.52 -11.09 -15.97
CA LEU B 276 -8.99 -10.06 -15.10
C LEU B 276 -9.50 -8.68 -15.49
N LYS B 277 -9.61 -8.41 -16.79
CA LYS B 277 -10.11 -7.13 -17.29
C LYS B 277 -11.54 -6.86 -16.81
N ASN B 278 -12.31 -7.93 -16.63
CA ASN B 278 -13.70 -7.86 -16.14
C ASN B 278 -13.88 -8.10 -14.64
N ASN B 279 -12.81 -7.95 -13.86
CA ASN B 279 -12.82 -8.18 -12.41
C ASN B 279 -13.07 -9.62 -11.96
N GLY B 280 -12.87 -10.58 -12.83
CA GLY B 280 -12.74 -11.95 -12.37
C GLY B 280 -11.56 -11.97 -11.43
N ARG B 281 -11.77 -12.52 -10.23
CA ARG B 281 -10.73 -12.58 -9.22
C ARG B 281 -10.78 -13.90 -8.46
N LEU B 282 -9.67 -14.28 -7.85
CA LEU B 282 -9.69 -15.42 -6.96
C LEU B 282 -10.69 -15.10 -5.84
N PRO B 283 -11.50 -16.08 -5.45
CA PRO B 283 -12.49 -15.82 -4.43
C PRO B 283 -11.82 -15.72 -3.09
N ARG B 284 -12.56 -15.21 -2.12
CA ARG B 284 -12.15 -15.20 -0.72
C ARG B 284 -12.01 -16.62 -0.20
N PRO B 285 -10.82 -17.00 0.32
CA PRO B 285 -10.68 -18.34 0.90
C PRO B 285 -11.64 -18.58 2.05
N ASP B 286 -12.05 -19.82 2.25
CA ASP B 286 -12.92 -20.18 3.38
C ASP B 286 -12.23 -19.76 4.66
N GLY B 287 -12.91 -18.99 5.49
CA GLY B 287 -12.44 -18.64 6.82
C GLY B 287 -11.57 -17.41 6.93
N CYS B 288 -11.22 -16.83 5.78
CA CYS B 288 -10.31 -15.69 5.72
C CYS B 288 -10.90 -14.41 6.34
N PRO B 289 -10.30 -13.92 7.45
CA PRO B 289 -10.75 -12.65 7.99
C PRO B 289 -10.95 -11.62 6.91
N ASP B 290 -12.03 -10.87 7.02
CA ASP B 290 -12.43 -9.93 5.99
C ASP B 290 -11.35 -8.91 5.66
N GLU B 291 -10.66 -8.39 6.69
CA GLU B 291 -9.67 -7.34 6.43
C GLU B 291 -8.37 -7.89 5.82
N ILE B 292 -8.14 -9.20 5.92
CA ILE B 292 -7.10 -9.83 5.11
C ILE B 292 -7.57 -9.95 3.66
N TYR B 293 -8.84 -10.29 3.46
CA TYR B 293 -9.38 -10.41 2.12
C TYR B 293 -9.33 -9.07 1.36
N MET B 294 -9.52 -7.97 2.09
CA MET B 294 -9.42 -6.63 1.54
C MET B 294 -8.03 -6.34 0.98
N ILE B 295 -6.99 -6.68 1.74
CA ILE B 295 -5.60 -6.55 1.27
C ILE B 295 -5.33 -7.28 -0.06
N MET B 296 -5.85 -8.48 -0.18
CA MET B 296 -5.73 -9.23 -1.42
C MET B 296 -6.29 -8.46 -2.58
N THR B 297 -7.55 -8.04 -2.45
CA THR B 297 -8.25 -7.37 -3.55
C THR B 297 -7.75 -5.96 -3.86
N GLU B 298 -7.15 -5.29 -2.88
CA GLU B 298 -6.50 -3.99 -3.15
C GLU B 298 -5.25 -4.13 -4.04
N CYS B 299 -4.47 -5.19 -3.81
CA CYS B 299 -3.35 -5.59 -4.68
C CYS B 299 -3.78 -6.00 -6.09
N TRP B 300 -4.86 -6.75 -6.19
CA TRP B 300 -5.40 -7.17 -7.48
C TRP B 300 -6.22 -6.03 -8.10
N ASN B 301 -5.55 -4.92 -8.40
CA ASN B 301 -6.20 -3.75 -8.95
C ASN B 301 -5.69 -3.53 -10.37
N ASN B 302 -6.62 -3.40 -11.32
CA ASN B 302 -6.25 -3.18 -12.70
C ASN B 302 -5.46 -1.86 -12.82
N ASN B 303 -5.90 -0.81 -12.15
CA ASN B 303 -5.09 0.40 -11.99
C ASN B 303 -3.78 0.11 -11.27
N VAL B 304 -2.68 0.10 -12.02
CA VAL B 304 -1.35 -0.18 -11.47
C VAL B 304 -1.03 0.74 -10.30
N ASN B 305 -0.94 2.04 -10.59
CA ASN B 305 -0.68 3.11 -9.61
C ASN B 305 -1.43 2.98 -8.30
N GLN B 306 -2.59 2.33 -8.35
CA GLN B 306 -3.53 2.32 -7.24
C GLN B 306 -3.33 1.16 -6.26
N ARG B 307 -2.27 0.38 -6.43
CA ARG B 307 -2.03 -0.76 -5.56
C ARG B 307 -1.21 -0.33 -4.34
N PRO B 308 -1.46 -0.94 -3.18
CA PRO B 308 -0.63 -0.52 -2.04
C PRO B 308 0.87 -0.71 -2.28
N SER B 309 1.65 0.06 -1.55
CA SER B 309 3.09 -0.11 -1.49
C SER B 309 3.37 -1.22 -0.51
N PHE B 310 4.57 -1.77 -0.57
CA PHE B 310 4.94 -2.73 0.45
C PHE B 310 5.12 -2.05 1.82
N ARG B 311 5.51 -0.79 1.81
CA ARG B 311 5.68 -0.05 3.08
C ARG B 311 4.37 0.07 3.85
N ASP B 312 3.31 0.31 3.09
CA ASP B 312 1.97 0.37 3.65
C ASP B 312 1.45 -1.01 4.03
N LEU B 313 1.82 -2.02 3.24
CA LEU B 313 1.36 -3.38 3.51
C LEU B 313 1.97 -3.94 4.80
N ALA B 314 3.24 -3.66 5.05
CA ALA B 314 3.88 -4.09 6.29
C ALA B 314 3.27 -3.34 7.49
N LEU B 315 3.00 -2.05 7.30
CA LEU B 315 2.36 -1.25 8.33
C LEU B 315 0.99 -1.85 8.60
N ARG B 316 0.17 -1.94 7.56
CA ARG B 316 -1.18 -2.49 7.68
C ARG B 316 -1.20 -3.88 8.29
N VAL B 317 -0.28 -4.75 7.87
CA VAL B 317 -0.22 -6.14 8.37
C VAL B 317 0.20 -6.16 9.82
N ASP B 318 1.28 -5.49 10.18
CA ASP B 318 1.66 -5.39 11.59
C ASP B 318 0.54 -4.81 12.46
N GLN B 319 -0.31 -3.96 11.90
CA GLN B 319 -1.43 -3.38 12.66
C GLN B 319 -2.43 -4.45 13.06
N ILE B 320 -2.90 -5.19 12.07
CA ILE B 320 -3.81 -6.30 12.31
C ILE B 320 -3.21 -7.31 13.30
N ARG B 321 -1.90 -7.58 13.18
CA ARG B 321 -1.21 -8.48 14.11
C ARG B 321 -1.21 -7.95 15.55
N ASP B 322 -1.03 -6.66 15.72
CA ASP B 322 -1.10 -6.06 17.05
C ASP B 322 -2.47 -6.27 17.69
N GLN B 323 -3.53 -6.03 16.93
CA GLN B 323 -4.88 -6.09 17.45
C GLN B 323 -5.35 -7.50 17.73
N MET B 324 -5.12 -8.41 16.78
CA MET B 324 -5.41 -9.82 16.98
C MET B 324 -4.80 -10.33 18.28
N ALA B 325 -3.49 -10.15 18.40
CA ALA B 325 -2.69 -10.73 19.48
C ALA B 325 -3.10 -10.15 20.84
N GLY B 326 -3.27 -8.83 20.88
CA GLY B 326 -3.73 -8.14 22.08
C GLY B 326 -5.24 -8.25 22.19
O1 L0I C . -15.40 12.12 -3.20
C2 L0I C . -14.48 12.42 -3.91
N3 L0I C . -13.19 12.05 -3.83
C4 L0I C . -12.71 10.71 -3.98
C5 L0I C . -12.21 10.46 -5.36
C6 L0I C . -11.24 10.57 -4.24
N7 L0I C . -14.50 13.37 -4.83
C8 L0I C . -15.51 14.09 -5.41
C9 L0I C . -16.71 14.52 -4.95
N10 L0I C . -17.26 15.23 -5.94
N12 L0I C . -16.46 15.30 -7.02
C13 L0I C . -15.37 14.59 -6.68
C14 L0I C . -14.24 14.42 -7.56
N15 L0I C . -13.23 13.57 -7.37
C16 L0I C . -12.40 13.72 -8.42
C17 L0I C . -11.21 13.09 -8.73
C18 L0I C . -10.56 13.46 -9.90
C19 L0I C . -11.07 14.43 -10.76
C20 L0I C . -10.29 14.82 -12.01
N21 L0I C . -10.85 14.41 -13.35
C23 L0I C . -12.18 15.05 -13.66
C24 L0I C . -12.66 14.74 -15.07
O25 L0I C . -11.67 14.96 -16.10
C26 L0I C . -10.44 14.27 -15.79
C27 L0I C . -9.87 14.71 -14.44
C28 L0I C . -12.26 15.06 -10.44
C29 L0I C . -12.91 14.69 -9.27
N30 L0I C . -14.07 15.13 -8.69
H11 L0I C . -18.12 15.66 -5.91
H22 L0I C . -10.98 13.42 -13.32
H31 L0I C . -14.68 15.80 -9.05
H32 L0I C . -12.54 12.74 -3.63
H33 L0I C . -13.21 9.90 -3.44
H34 L0I C . -12.40 9.47 -5.79
H35 L0I C . -12.27 11.28 -6.07
H36 L0I C . -10.63 11.47 -4.18
H37 L0I C . -10.75 9.66 -3.90
H38 L0I C . -13.62 13.63 -5.15
H39 L0I C . -17.15 14.33 -3.98
H40 L0I C . -10.79 12.34 -8.09
H41 L0I C . -9.63 12.97 -10.15
H42 L0I C . -10.18 15.90 -12.02
H43 L0I C . -9.29 14.38 -11.94
H44 L0I C . -12.91 14.66 -12.95
H45 L0I C . -12.10 16.12 -13.51
H46 L0I C . -12.99 13.71 -15.12
H47 L0I C . -13.52 15.38 -15.30
H48 L0I C . -10.64 13.20 -15.77
H49 L0I C . -9.72 14.48 -16.58
H50 L0I C . -9.66 15.78 -14.46
H51 L0I C . -8.93 14.17 -14.25
H52 L0I C . -12.67 15.83 -11.09
#